data_6DCL
#
_entry.id   6DCL
#
_cell.length_a   127.028
_cell.length_b   127.028
_cell.length_c   147.064
_cell.angle_alpha   90.000
_cell.angle_beta   90.000
_cell.angle_gamma   120.000
#
_symmetry.space_group_name_H-M   'P 62 2 2'
#
loop_
_entity.id
_entity.type
_entity.pdbx_description
1 polymer 'Heterogeneous nuclear ribonucleoprotein A1'
2 polymer "RNA (5'-R(*AP*GP*UP*AP*GP*AP*UP*UP*AP*GP*C)-3')"
3 non-polymer 1,2-ETHANEDIOL
4 water water
#
loop_
_entity_poly.entity_id
_entity_poly.type
_entity_poly.pdbx_seq_one_letter_code
_entity_poly.pdbx_strand_id
1 'polypeptide(L)'
;GAMGSKSESPKEPEQLRKLFIGGLSFETTDESLRSHFEQWGTLTDCVVMRDPNTKRSRGFGFVTYATVEEVDAAMNARPH
KVDGRVVEPKRAVSREDSQRPGAHLTVKKIFVGGIKEDTEEHHLRDYFEQYGKIEVIEIMTDRGSGKKRGFAFVTFDDHD
SVDKIVIQKYHTVNGHNCEVRKALSKQEMAS
;
A,B
2 'polyribonucleotide' AGUAGAUUAGCA C,D
#
# COMPACT_ATOMS: atom_id res chain seq x y z
N PRO A 10 -8.31 12.51 -13.41
CA PRO A 10 -8.44 11.08 -13.12
C PRO A 10 -7.13 10.30 -13.24
N LYS A 11 -5.97 10.96 -13.09
CA LYS A 11 -4.69 10.28 -13.30
C LYS A 11 -4.45 9.12 -12.33
N GLU A 12 -3.38 8.59 -12.43
CA GLU A 12 -2.75 7.56 -11.62
C GLU A 12 -1.92 8.28 -10.58
N PRO A 13 -1.80 7.74 -9.37
CA PRO A 13 -1.11 8.48 -8.30
C PRO A 13 0.26 8.98 -8.74
N GLU A 14 0.59 10.20 -8.31
CA GLU A 14 1.87 10.79 -8.70
C GLU A 14 3.03 9.87 -8.32
N GLN A 15 2.96 9.26 -7.14
CA GLN A 15 4.06 8.41 -6.70
C GLN A 15 4.29 7.26 -7.67
N LEU A 16 3.22 6.70 -8.25
CA LEU A 16 3.45 5.63 -9.21
C LEU A 16 3.87 6.14 -10.58
N ARG A 17 3.88 7.46 -10.80
CA ARG A 17 4.31 7.97 -12.10
C ARG A 17 5.73 8.47 -12.06
N LYS A 18 6.44 8.29 -10.94
CA LYS A 18 7.73 8.91 -10.73
C LYS A 18 8.86 7.87 -10.67
N LEU A 19 9.99 8.20 -11.29
CA LEU A 19 11.23 7.43 -11.24
C LEU A 19 12.31 8.22 -10.53
N PHE A 20 13.12 7.51 -9.74
CA PHE A 20 14.34 8.06 -9.19
C PHE A 20 15.44 7.79 -10.21
N ILE A 21 16.22 8.82 -10.53
CA ILE A 21 17.34 8.69 -11.47
C ILE A 21 18.62 8.87 -10.65
N GLY A 22 19.34 7.75 -10.42
CA GLY A 22 20.56 7.75 -9.64
C GLY A 22 21.80 7.84 -10.51
N GLY A 23 22.87 8.40 -9.92
CA GLY A 23 24.16 8.50 -10.59
C GLY A 23 24.22 9.52 -11.71
N LEU A 24 23.52 10.65 -11.60
CA LEU A 24 23.57 11.64 -12.67
C LEU A 24 24.98 12.20 -12.83
N SER A 25 25.34 12.52 -14.07
CA SER A 25 26.50 13.38 -14.26
C SER A 25 26.28 14.67 -13.47
N PHE A 26 27.34 15.20 -12.88
CA PHE A 26 27.13 16.39 -12.06
C PHE A 26 26.81 17.64 -12.89
N GLU A 27 27.04 17.60 -14.21
CA GLU A 27 26.67 18.69 -15.10
C GLU A 27 25.22 18.64 -15.60
N THR A 28 24.53 17.48 -15.45
CA THR A 28 23.16 17.33 -15.93
C THR A 28 22.25 18.34 -15.22
N THR A 29 21.31 18.92 -15.97
CA THR A 29 20.38 19.92 -15.48
C THR A 29 18.95 19.42 -15.62
N ASP A 30 18.00 20.15 -15.04
CA ASP A 30 16.58 19.80 -15.26
C ASP A 30 16.28 19.67 -16.75
N GLU A 31 16.75 20.63 -17.55
CA GLU A 31 16.42 20.60 -18.96
C GLU A 31 17.15 19.47 -19.69
N SER A 32 18.43 19.26 -19.41
CA SER A 32 19.12 18.18 -20.14
C SER A 32 18.54 16.83 -19.72
N LEU A 33 18.25 16.67 -18.43
CA LEU A 33 17.57 15.45 -17.98
C LEU A 33 16.22 15.30 -18.68
N ARG A 34 15.48 16.39 -18.79
CA ARG A 34 14.19 16.34 -19.49
C ARG A 34 14.36 15.95 -20.96
N SER A 35 15.27 16.62 -21.69
CA SER A 35 15.33 16.28 -23.11
C SER A 35 15.72 14.83 -23.32
N HIS A 36 16.42 14.20 -22.38
CA HIS A 36 16.67 12.78 -22.56
C HIS A 36 15.39 11.98 -22.31
N PHE A 37 14.74 12.19 -21.17
CA PHE A 37 13.68 11.26 -20.81
C PHE A 37 12.34 11.53 -21.46
N GLU A 38 12.15 12.68 -22.10
CA GLU A 38 10.89 12.86 -22.83
C GLU A 38 10.85 12.11 -24.16
N GLN A 39 11.93 11.40 -24.53
CA GLN A 39 11.85 10.48 -25.65
C GLN A 39 10.85 9.34 -25.41
N TRP A 40 10.54 9.01 -24.15
CA TRP A 40 9.63 7.91 -23.82
C TRP A 40 8.27 8.41 -23.33
N GLY A 41 8.00 9.70 -23.36
CA GLY A 41 6.66 10.15 -23.04
C GLY A 41 6.62 11.59 -22.54
N THR A 42 5.46 11.98 -22.07
CA THR A 42 5.23 13.31 -21.54
C THR A 42 5.65 13.37 -20.07
N LEU A 43 6.35 14.44 -19.71
CA LEU A 43 6.88 14.64 -18.36
C LEU A 43 6.04 15.70 -17.63
N THR A 44 5.33 15.29 -16.57
CA THR A 44 4.66 16.31 -15.76
C THR A 44 5.64 17.00 -14.84
N ASP A 45 6.83 16.43 -14.64
CA ASP A 45 7.85 17.06 -13.82
C ASP A 45 9.19 16.38 -14.05
N CYS A 46 10.25 17.16 -13.83
CA CYS A 46 11.61 16.72 -14.09
C CYS A 46 12.56 17.64 -13.32
N VAL A 47 13.35 17.09 -12.38
CA VAL A 47 14.14 17.94 -11.50
C VAL A 47 15.44 17.21 -11.15
N VAL A 48 16.54 17.97 -11.06
CA VAL A 48 17.81 17.53 -10.49
C VAL A 48 17.86 18.01 -9.05
N MET A 49 18.12 17.09 -8.10
CA MET A 49 18.17 17.49 -6.69
C MET A 49 19.51 18.13 -6.39
N ARG A 50 19.47 19.30 -5.76
CA ARG A 50 20.67 20.07 -5.51
C ARG A 50 20.84 20.33 -4.03
N ASP A 51 22.07 20.52 -3.63
CA ASP A 51 22.37 20.87 -2.25
C ASP A 51 21.90 22.29 -1.95
N PRO A 52 21.19 22.51 -0.84
CA PRO A 52 20.61 23.84 -0.60
C PRO A 52 21.62 24.96 -0.51
N ASN A 53 22.80 24.71 0.05
CA ASN A 53 23.80 25.76 0.28
C ASN A 53 24.71 25.98 -0.92
N THR A 54 25.26 24.90 -1.48
CA THR A 54 26.16 25.02 -2.62
C THR A 54 25.42 25.22 -3.94
N LYS A 55 24.15 24.82 -4.00
CA LYS A 55 23.39 24.71 -5.25
C LYS A 55 23.99 23.66 -6.18
N ARG A 56 25.00 22.92 -5.74
CA ARG A 56 25.61 21.87 -6.54
C ARG A 56 24.67 20.68 -6.69
N SER A 57 24.75 20.00 -7.83
CA SER A 57 23.94 18.82 -8.05
C SER A 57 24.27 17.76 -7.01
N ARG A 58 23.25 17.07 -6.52
CA ARG A 58 23.49 15.96 -5.59
C ARG A 58 23.69 14.63 -6.30
N GLY A 59 23.72 14.59 -7.64
CA GLY A 59 24.00 13.34 -8.31
C GLY A 59 22.79 12.45 -8.53
N PHE A 60 21.58 12.96 -8.31
CA PHE A 60 20.38 12.18 -8.57
C PHE A 60 19.22 13.13 -8.81
N GLY A 61 18.15 12.60 -9.40
CA GLY A 61 16.96 13.40 -9.67
C GLY A 61 15.71 12.55 -9.77
N PHE A 62 14.61 13.20 -10.14
CA PHE A 62 13.32 12.53 -10.33
C PHE A 62 12.69 12.97 -11.63
N VAL A 63 12.11 12.02 -12.38
CA VAL A 63 11.30 12.36 -13.55
C VAL A 63 9.93 11.72 -13.35
N THR A 64 8.86 12.46 -13.66
CA THR A 64 7.48 11.99 -13.50
C THR A 64 6.80 11.99 -14.86
N TYR A 65 6.25 10.86 -15.26
CA TYR A 65 5.54 10.78 -16.52
C TYR A 65 4.04 10.98 -16.30
N ALA A 66 3.33 11.22 -17.41
CA ALA A 66 1.89 11.43 -17.36
C ALA A 66 1.14 10.15 -17.11
N THR A 67 1.71 9.00 -17.50
CA THR A 67 1.08 7.70 -17.31
C THR A 67 2.12 6.69 -16.85
N VAL A 68 1.67 5.67 -16.08
CA VAL A 68 2.60 4.63 -15.68
C VAL A 68 3.06 3.85 -16.90
N GLU A 69 2.20 3.74 -17.92
CA GLU A 69 2.60 3.14 -19.19
C GLU A 69 3.90 3.77 -19.70
N GLU A 70 3.97 5.11 -19.66
CA GLU A 70 5.22 5.76 -20.07
C GLU A 70 6.37 5.41 -19.13
N VAL A 71 6.12 5.31 -17.82
CA VAL A 71 7.17 4.85 -16.90
C VAL A 71 7.71 3.49 -17.35
N ASP A 72 6.79 2.54 -17.62
CA ASP A 72 7.18 1.22 -18.09
C ASP A 72 8.04 1.30 -19.35
N ALA A 73 7.66 2.17 -20.29
CA ALA A 73 8.45 2.29 -21.51
C ALA A 73 9.87 2.75 -21.21
N ALA A 74 10.02 3.72 -20.30
CA ALA A 74 11.35 4.21 -19.97
C ALA A 74 12.18 3.12 -19.30
N MET A 75 11.58 2.39 -18.36
CA MET A 75 12.31 1.32 -17.69
C MET A 75 12.68 0.22 -18.68
N ASN A 76 11.84 -0.05 -19.69
CA ASN A 76 12.16 -1.07 -20.67
C ASN A 76 13.27 -0.64 -21.61
N ALA A 77 13.64 0.64 -21.62
CA ALA A 77 14.70 1.13 -22.48
C ALA A 77 16.03 1.31 -21.73
N ARG A 78 16.18 0.74 -20.55
CA ARG A 78 17.50 0.72 -19.94
C ARG A 78 18.45 -0.06 -20.84
N PRO A 79 19.74 0.26 -20.84
CA PRO A 79 20.39 1.35 -20.08
C PRO A 79 20.20 2.72 -20.71
N HIS A 80 20.32 3.76 -19.90
CA HIS A 80 20.06 5.15 -20.29
C HIS A 80 21.35 5.93 -20.08
N LYS A 81 21.86 6.56 -21.13
CA LYS A 81 23.06 7.39 -21.01
C LYS A 81 22.62 8.84 -21.16
N VAL A 82 22.82 9.63 -20.09
CA VAL A 82 22.38 11.01 -20.01
C VAL A 82 23.64 11.85 -19.91
N ASP A 83 23.85 12.76 -20.88
CA ASP A 83 24.99 13.69 -20.81
C ASP A 83 26.32 12.95 -20.62
N GLY A 84 26.48 11.85 -21.35
CA GLY A 84 27.70 11.07 -21.35
C GLY A 84 27.83 9.99 -20.29
N ARG A 85 26.87 9.84 -19.38
CA ARG A 85 26.98 8.91 -18.26
C ARG A 85 25.79 7.97 -18.18
N VAL A 86 26.06 6.67 -18.00
CA VAL A 86 24.95 5.74 -17.76
C VAL A 86 24.41 5.98 -16.37
N VAL A 87 23.09 6.17 -16.28
CA VAL A 87 22.42 6.45 -15.02
C VAL A 87 21.61 5.22 -14.61
N GLU A 88 21.14 5.22 -13.37
CA GLU A 88 20.37 4.08 -12.86
C GLU A 88 18.99 4.58 -12.45
N PRO A 89 17.97 4.40 -13.28
CA PRO A 89 16.60 4.78 -12.91
C PRO A 89 15.92 3.66 -12.16
N LYS A 90 15.21 4.01 -11.09
CA LYS A 90 14.47 3.05 -10.29
C LYS A 90 13.08 3.60 -9.98
N ARG A 91 12.15 2.68 -9.68
CA ARG A 91 10.86 3.09 -9.15
C ARG A 91 11.04 3.97 -7.93
N ALA A 92 10.34 5.09 -7.91
CA ALA A 92 10.49 6.04 -6.81
C ALA A 92 9.77 5.51 -5.58
N VAL A 93 10.54 5.16 -4.54
CA VAL A 93 9.99 4.73 -3.27
C VAL A 93 9.53 5.95 -2.47
N SER A 94 8.32 5.90 -1.95
CA SER A 94 7.79 7.03 -1.20
C SER A 94 8.68 7.39 -0.02
N ARG A 95 8.61 8.66 0.38
CA ARG A 95 9.41 9.13 1.51
C ARG A 95 9.19 8.25 2.73
N GLU A 96 7.94 7.84 2.96
CA GLU A 96 7.60 7.02 4.11
C GLU A 96 8.31 5.67 4.07
N ASP A 97 8.25 5.00 2.92
CA ASP A 97 8.86 3.68 2.82
C ASP A 97 10.38 3.77 2.76
N SER A 98 10.92 4.89 2.28
CA SER A 98 12.36 5.08 2.20
C SER A 98 13.03 5.12 3.56
N GLN A 99 12.26 5.34 4.64
CA GLN A 99 12.87 5.41 5.95
C GLN A 99 13.21 4.05 6.51
N ARG A 100 12.73 2.93 5.87
CA ARG A 100 13.05 1.66 6.51
C ARG A 100 14.36 1.09 5.96
N PRO A 101 15.10 0.34 6.78
CA PRO A 101 16.47 -0.04 6.39
C PRO A 101 16.52 -0.92 5.15
N GLY A 102 17.46 -0.61 4.25
CA GLY A 102 17.63 -1.40 3.05
C GLY A 102 16.60 -1.18 1.98
N ALA A 103 15.73 -0.18 2.15
CA ALA A 103 14.62 0.02 1.21
C ALA A 103 15.10 0.16 -0.22
N HIS A 104 16.31 0.65 -0.44
CA HIS A 104 16.77 0.97 -1.79
C HIS A 104 17.70 -0.09 -2.34
N LEU A 105 17.92 -1.20 -1.63
CA LEU A 105 18.80 -2.22 -2.13
C LEU A 105 18.20 -2.95 -3.33
N THR A 106 19.06 -3.27 -4.28
CA THR A 106 18.67 -3.99 -5.48
C THR A 106 18.58 -5.49 -5.20
N VAL A 107 17.38 -6.09 -5.33
CA VAL A 107 17.21 -7.52 -5.17
C VAL A 107 16.26 -8.05 -6.25
N LYS A 108 16.43 -9.32 -6.62
CA LYS A 108 15.57 -10.02 -7.57
C LYS A 108 14.66 -11.02 -6.87
N LYS A 109 14.76 -11.13 -5.55
CA LYS A 109 14.09 -12.18 -4.80
C LYS A 109 13.25 -11.53 -3.69
N ILE A 110 12.01 -11.97 -3.55
CA ILE A 110 11.11 -11.45 -2.53
C ILE A 110 10.71 -12.53 -1.54
N PHE A 111 10.54 -12.12 -0.28
CA PHE A 111 9.85 -12.94 0.71
C PHE A 111 8.35 -12.70 0.58
N VAL A 112 7.58 -13.79 0.60
CA VAL A 112 6.12 -13.77 0.51
C VAL A 112 5.58 -14.48 1.75
N GLY A 113 4.95 -13.73 2.65
CA GLY A 113 4.43 -14.29 3.89
C GLY A 113 2.92 -14.16 4.03
N GLY A 114 2.29 -15.21 4.55
CA GLY A 114 0.86 -15.23 4.72
C GLY A 114 0.07 -16.07 3.73
N ILE A 115 0.70 -17.04 3.09
CA ILE A 115 -0.02 -17.90 2.16
C ILE A 115 -0.71 -19.02 2.92
N LYS A 116 -1.89 -19.40 2.44
CA LYS A 116 -2.68 -20.42 3.11
C LYS A 116 -2.12 -21.81 2.80
N GLU A 117 -2.65 -22.81 3.50
CA GLU A 117 -2.14 -24.16 3.36
C GLU A 117 -2.46 -24.78 2.02
N ASP A 118 -3.52 -24.31 1.35
CA ASP A 118 -3.89 -24.85 0.05
C ASP A 118 -3.29 -24.05 -1.09
N THR A 119 -2.42 -23.08 -0.80
CA THR A 119 -1.74 -22.29 -1.82
C THR A 119 -0.64 -23.13 -2.46
N GLU A 120 -0.69 -23.25 -3.79
CA GLU A 120 0.21 -24.08 -4.58
C GLU A 120 1.17 -23.19 -5.37
N GLU A 121 2.11 -23.83 -6.07
CA GLU A 121 3.12 -23.06 -6.78
C GLU A 121 2.51 -22.27 -7.94
N HIS A 122 1.50 -22.84 -8.61
CA HIS A 122 0.89 -22.14 -9.73
C HIS A 122 0.08 -20.92 -9.28
N HIS A 123 -0.45 -20.94 -8.05
CA HIS A 123 -1.12 -19.75 -7.52
C HIS A 123 -0.15 -18.57 -7.49
N LEU A 124 1.03 -18.78 -6.92
CA LEU A 124 2.03 -17.71 -6.86
C LEU A 124 2.40 -17.22 -8.25
N ARG A 125 2.62 -18.16 -9.19
CA ARG A 125 2.98 -17.78 -10.56
C ARG A 125 1.85 -17.03 -11.24
N ASP A 126 0.60 -17.44 -10.99
CA ASP A 126 -0.54 -16.82 -11.65
C ASP A 126 -0.59 -15.32 -11.36
N TYR A 127 -0.27 -14.93 -10.12
CA TYR A 127 -0.35 -13.53 -9.74
C TYR A 127 0.90 -12.73 -10.07
N PHE A 128 2.09 -13.30 -9.89
CA PHE A 128 3.31 -12.51 -10.01
C PHE A 128 3.83 -12.41 -11.44
N GLU A 129 3.35 -13.25 -12.37
CA GLU A 129 3.76 -13.15 -13.77
C GLU A 129 3.65 -11.73 -14.30
N GLN A 130 2.59 -11.01 -13.92
CA GLN A 130 2.31 -9.70 -14.48
C GLN A 130 3.41 -8.69 -14.22
N TYR A 131 4.32 -8.96 -13.29
CA TYR A 131 5.35 -7.99 -12.95
C TYR A 131 6.65 -8.22 -13.72
N GLY A 132 6.87 -9.41 -14.24
CA GLY A 132 8.09 -9.70 -14.97
C GLY A 132 8.35 -11.19 -15.03
N LYS A 133 9.40 -11.53 -15.78
CA LYS A 133 9.76 -12.93 -15.95
C LYS A 133 10.12 -13.55 -14.61
N ILE A 134 9.52 -14.68 -14.30
CA ILE A 134 9.86 -15.38 -13.07
C ILE A 134 10.95 -16.39 -13.38
N GLU A 135 11.87 -16.51 -12.45
CA GLU A 135 12.95 -17.46 -12.59
C GLU A 135 12.75 -18.67 -11.70
N VAL A 136 12.38 -18.46 -10.43
CA VAL A 136 12.32 -19.54 -9.44
C VAL A 136 11.23 -19.23 -8.42
N ILE A 137 10.38 -20.21 -8.13
CA ILE A 137 9.40 -20.14 -7.06
C ILE A 137 9.66 -21.29 -6.10
N GLU A 138 9.57 -21.00 -4.81
CA GLU A 138 9.87 -21.99 -3.77
C GLU A 138 8.88 -21.80 -2.62
N ILE A 139 7.99 -22.77 -2.43
CA ILE A 139 7.10 -22.81 -1.27
C ILE A 139 7.80 -23.56 -0.16
N MET A 140 7.82 -22.96 1.04
CA MET A 140 8.59 -23.50 2.16
C MET A 140 7.77 -24.53 2.94
N THR A 141 8.31 -25.73 3.04
CA THR A 141 7.70 -26.83 3.77
C THR A 141 8.60 -27.11 4.96
N ASP A 142 7.99 -27.38 6.12
CA ASP A 142 8.76 -27.59 7.33
C ASP A 142 9.30 -29.01 7.38
N ARG A 143 10.61 -29.14 7.63
CA ARG A 143 11.20 -30.46 7.82
C ARG A 143 10.91 -30.96 9.23
N GLY A 144 10.60 -32.24 9.34
CA GLY A 144 10.15 -32.82 10.58
C GLY A 144 8.65 -32.86 10.75
N SER A 145 7.91 -32.02 10.02
CA SER A 145 6.44 -31.97 10.05
C SER A 145 5.81 -32.22 8.69
N GLY A 146 6.41 -31.71 7.62
CA GLY A 146 6.01 -32.04 6.26
C GLY A 146 5.04 -31.07 5.62
N LYS A 147 4.35 -30.24 6.40
CA LYS A 147 3.34 -29.34 5.88
C LYS A 147 3.85 -27.90 5.85
N LYS A 148 3.02 -27.03 5.27
CA LYS A 148 3.47 -25.70 4.84
C LYS A 148 3.65 -24.77 6.03
N ARG A 149 4.66 -23.89 5.92
CA ARG A 149 5.11 -23.00 6.98
C ARG A 149 4.51 -21.60 6.90
N GLY A 150 3.75 -21.29 5.85
CA GLY A 150 3.06 -20.04 5.73
C GLY A 150 3.80 -18.95 5.00
N PHE A 151 4.91 -19.26 4.33
CA PHE A 151 5.64 -18.27 3.53
C PHE A 151 6.35 -18.97 2.35
N ALA A 152 6.82 -18.15 1.40
CA ALA A 152 7.42 -18.65 0.18
C ALA A 152 8.38 -17.60 -0.35
N PHE A 153 9.15 -17.98 -1.37
CA PHE A 153 10.13 -17.13 -2.02
C PHE A 153 9.97 -17.18 -3.54
N VAL A 154 10.01 -16.01 -4.20
CA VAL A 154 9.95 -15.89 -5.65
C VAL A 154 11.15 -15.09 -6.15
N THR A 155 11.86 -15.64 -7.14
CA THR A 155 13.00 -15.00 -7.76
C THR A 155 12.64 -14.55 -9.17
N PHE A 156 12.87 -13.27 -9.44
CA PHE A 156 12.63 -12.74 -10.77
C PHE A 156 13.93 -12.58 -11.52
N ASP A 157 13.79 -12.28 -12.80
CA ASP A 157 14.94 -12.12 -13.67
C ASP A 157 15.43 -10.68 -13.70
N ASP A 158 14.62 -9.73 -13.28
CA ASP A 158 14.98 -8.32 -13.26
C ASP A 158 14.50 -7.70 -11.95
N HIS A 159 15.39 -7.02 -11.23
CA HIS A 159 15.01 -6.37 -9.99
C HIS A 159 13.83 -5.42 -10.16
N ASP A 160 13.65 -4.81 -11.34
CA ASP A 160 12.54 -3.89 -11.54
C ASP A 160 11.19 -4.57 -11.34
N SER A 161 11.12 -5.87 -11.62
CA SER A 161 9.90 -6.61 -11.33
C SER A 161 9.57 -6.54 -9.84
N VAL A 162 10.58 -6.78 -9.00
CA VAL A 162 10.42 -6.69 -7.54
C VAL A 162 10.03 -5.28 -7.14
N ASP A 163 10.74 -4.27 -7.68
CA ASP A 163 10.45 -2.89 -7.36
C ASP A 163 9.01 -2.52 -7.69
N LYS A 164 8.50 -3.00 -8.83
CA LYS A 164 7.08 -2.78 -9.17
C LYS A 164 6.14 -3.45 -8.18
N ILE A 165 6.56 -4.54 -7.55
CA ILE A 165 5.70 -5.25 -6.62
C ILE A 165 5.64 -4.53 -5.29
N VAL A 166 6.77 -4.05 -4.79
CA VAL A 166 6.79 -3.51 -3.43
C VAL A 166 6.25 -2.10 -3.36
N ILE A 167 6.06 -1.42 -4.51
CA ILE A 167 5.36 -0.14 -4.48
C ILE A 167 3.84 -0.28 -4.50
N GLN A 168 3.30 -1.50 -4.61
CA GLN A 168 1.87 -1.72 -4.46
C GLN A 168 1.54 -2.09 -3.01
N LYS A 169 0.28 -1.86 -2.61
CA LYS A 169 0.04 -2.13 -1.19
C LYS A 169 -0.38 -3.57 -0.90
N TYR A 170 -1.37 -4.08 -1.62
CA TYR A 170 -1.94 -5.39 -1.36
C TYR A 170 -1.61 -6.38 -2.47
N HIS A 171 -1.51 -7.65 -2.09
CA HIS A 171 -1.24 -8.71 -3.06
C HIS A 171 -2.13 -9.89 -2.69
N THR A 172 -3.12 -10.18 -3.53
CA THR A 172 -4.03 -11.29 -3.31
C THR A 172 -3.53 -12.52 -4.08
N VAL A 173 -3.01 -13.50 -3.34
CA VAL A 173 -2.58 -14.78 -3.88
C VAL A 173 -3.52 -15.87 -3.35
N ASN A 174 -4.07 -16.67 -4.25
CA ASN A 174 -5.04 -17.71 -3.90
C ASN A 174 -6.18 -17.14 -3.07
N GLY A 175 -6.70 -15.98 -3.49
CA GLY A 175 -7.85 -15.35 -2.87
C GLY A 175 -7.61 -14.72 -1.52
N HIS A 176 -6.36 -14.60 -1.09
CA HIS A 176 -6.03 -14.03 0.21
C HIS A 176 -4.84 -13.09 0.09
N ASN A 177 -4.90 -12.01 0.87
CA ASN A 177 -3.79 -11.09 0.96
C ASN A 177 -2.55 -11.80 1.53
N CYS A 178 -1.38 -11.30 1.16
CA CYS A 178 -0.11 -11.78 1.68
C CYS A 178 0.91 -10.66 1.61
N GLU A 179 1.88 -10.67 2.51
CA GLU A 179 2.85 -9.58 2.59
C GLU A 179 4.10 -9.92 1.79
N VAL A 180 4.69 -8.90 1.18
CA VAL A 180 5.87 -9.06 0.34
C VAL A 180 6.96 -8.17 0.92
N ARG A 181 8.15 -8.75 1.09
CA ARG A 181 9.33 -7.99 1.49
C ARG A 181 10.50 -8.46 0.64
N LYS A 182 11.44 -7.53 0.44
CA LYS A 182 12.70 -7.91 -0.19
C LYS A 182 13.41 -8.94 0.68
N ALA A 183 13.87 -10.02 0.04
CA ALA A 183 14.46 -11.12 0.79
C ALA A 183 15.84 -10.77 1.33
N LEU A 184 16.12 -11.22 2.56
CA LEU A 184 17.40 -10.99 3.20
C LEU A 184 18.03 -12.35 3.43
N SER A 185 19.35 -12.39 3.60
CA SER A 185 19.98 -13.70 3.71
C SER A 185 19.75 -14.27 5.10
N LYS A 186 19.96 -15.59 5.24
CA LYS A 186 19.86 -16.24 6.54
C LYS A 186 20.75 -15.54 7.57
N GLN A 187 21.92 -15.06 7.13
CA GLN A 187 22.77 -14.29 8.01
C GLN A 187 22.14 -12.95 8.37
N GLU A 188 21.74 -12.17 7.35
CA GLU A 188 21.18 -10.84 7.58
C GLU A 188 20.02 -10.86 8.56
N MET A 189 19.24 -11.95 8.59
CA MET A 189 18.03 -11.97 9.39
C MET A 189 18.34 -12.06 10.89
N ALA A 190 19.20 -13.00 11.28
CA ALA A 190 19.64 -13.09 12.67
C ALA A 190 20.52 -11.89 13.00
N SER A 191 19.88 -10.73 13.20
CA SER A 191 20.58 -9.46 13.47
C SER A 191 19.61 -8.35 13.83
N LYS B 11 -9.82 -8.03 -10.18
CA LYS B 11 -10.83 -7.85 -9.14
C LYS B 11 -10.36 -6.88 -8.08
N GLU B 12 -11.11 -6.80 -6.99
CA GLU B 12 -10.56 -5.95 -5.95
C GLU B 12 -9.81 -6.78 -4.90
N PRO B 13 -8.71 -6.23 -4.36
CA PRO B 13 -7.89 -6.98 -3.40
C PRO B 13 -8.70 -7.49 -2.21
N GLU B 14 -8.35 -8.70 -1.76
CA GLU B 14 -9.09 -9.29 -0.66
C GLU B 14 -9.15 -8.37 0.55
N GLN B 15 -8.02 -7.75 0.90
CA GLN B 15 -7.97 -6.93 2.10
C GLN B 15 -8.97 -5.78 2.06
N LEU B 16 -9.24 -5.23 0.88
CA LEU B 16 -10.22 -4.15 0.75
C LEU B 16 -11.66 -4.65 0.74
N ARG B 17 -11.87 -5.98 0.72
CA ARG B 17 -13.20 -6.55 0.75
C ARG B 17 -13.54 -7.14 2.11
N LYS B 18 -12.70 -6.90 3.11
CA LYS B 18 -12.85 -7.57 4.40
C LYS B 18 -13.14 -6.57 5.52
N LEU B 19 -14.08 -6.93 6.40
CA LEU B 19 -14.36 -6.17 7.61
C LEU B 19 -13.93 -6.98 8.83
N PHE B 20 -13.37 -6.28 9.82
CA PHE B 20 -13.15 -6.81 11.14
C PHE B 20 -14.40 -6.52 11.97
N ILE B 21 -14.93 -7.54 12.66
CA ILE B 21 -16.14 -7.41 13.48
C ILE B 21 -15.73 -7.47 14.95
N GLY B 22 -15.81 -6.35 15.66
CA GLY B 22 -15.41 -6.34 17.05
C GLY B 22 -16.56 -6.59 18.00
N GLY B 23 -16.24 -7.13 19.17
CA GLY B 23 -17.20 -7.30 20.25
C GLY B 23 -18.24 -8.37 20.08
N LEU B 24 -17.90 -9.50 19.47
CA LEU B 24 -18.83 -10.61 19.32
C LEU B 24 -19.18 -11.21 20.68
N SER B 25 -20.42 -11.67 20.80
CA SER B 25 -20.85 -12.56 21.86
C SER B 25 -20.05 -13.86 21.84
N PHE B 26 -19.97 -14.51 23.01
CA PHE B 26 -19.31 -15.82 23.06
C PHE B 26 -20.07 -16.85 22.22
N GLU B 27 -21.40 -16.69 22.11
CA GLU B 27 -22.23 -17.63 21.36
C GLU B 27 -22.05 -17.51 19.86
N THR B 28 -21.58 -16.36 19.37
CA THR B 28 -21.54 -16.10 17.95
C THR B 28 -20.59 -17.04 17.22
N THR B 29 -21.07 -17.64 16.14
CA THR B 29 -20.31 -18.61 15.35
C THR B 29 -20.13 -18.11 13.92
N ASP B 30 -19.28 -18.84 13.17
CA ASP B 30 -19.17 -18.60 11.74
C ASP B 30 -20.55 -18.64 11.09
N GLU B 31 -21.38 -19.59 11.50
CA GLU B 31 -22.70 -19.76 10.91
C GLU B 31 -23.64 -18.62 11.29
N SER B 32 -23.64 -18.23 12.57
CA SER B 32 -24.53 -17.14 12.96
C SER B 32 -24.06 -15.81 12.38
N LEU B 33 -22.74 -15.55 12.42
CA LEU B 33 -22.20 -14.32 11.83
C LEU B 33 -22.55 -14.22 10.35
N ARG B 34 -22.46 -15.34 9.62
CA ARG B 34 -22.72 -15.31 8.19
C ARG B 34 -24.16 -14.91 7.90
N SER B 35 -25.13 -15.58 8.55
CA SER B 35 -26.52 -15.34 8.18
C SER B 35 -26.93 -13.90 8.42
N HIS B 36 -26.26 -13.19 9.34
CA HIS B 36 -26.56 -11.78 9.51
C HIS B 36 -25.98 -10.96 8.35
N PHE B 37 -24.68 -11.07 8.11
CA PHE B 37 -24.02 -10.13 7.21
C PHE B 37 -24.21 -10.48 5.73
N GLU B 38 -24.76 -11.65 5.42
CA GLU B 38 -25.03 -11.95 4.03
C GLU B 38 -26.27 -11.21 3.52
N GLN B 39 -26.96 -10.47 4.39
CA GLN B 39 -28.03 -9.60 3.94
C GLN B 39 -27.51 -8.49 3.02
N TRP B 40 -26.25 -8.12 3.12
CA TRP B 40 -25.72 -7.00 2.34
C TRP B 40 -24.82 -7.42 1.19
N GLY B 41 -24.72 -8.72 0.90
CA GLY B 41 -24.03 -9.15 -0.29
C GLY B 41 -23.55 -10.59 -0.13
N THR B 42 -22.78 -11.01 -1.12
CA THR B 42 -22.23 -12.36 -1.15
C THR B 42 -20.94 -12.43 -0.35
N LEU B 43 -20.85 -13.45 0.50
CA LEU B 43 -19.70 -13.61 1.40
C LEU B 43 -18.75 -14.66 0.82
N THR B 44 -17.54 -14.22 0.46
CA THR B 44 -16.49 -15.14 0.05
C THR B 44 -15.83 -15.82 1.24
N ASP B 45 -16.04 -15.32 2.45
CA ASP B 45 -15.47 -15.91 3.65
C ASP B 45 -16.15 -15.29 4.86
N CYS B 46 -16.21 -16.06 5.95
CA CYS B 46 -16.84 -15.58 7.19
C CYS B 46 -16.37 -16.47 8.31
N VAL B 47 -15.66 -15.91 9.29
CA VAL B 47 -14.99 -16.71 10.30
C VAL B 47 -15.02 -15.98 11.66
N VAL B 48 -15.19 -16.76 12.73
CA VAL B 48 -14.92 -16.30 14.09
C VAL B 48 -13.58 -16.87 14.53
N MET B 49 -12.71 -16.00 15.04
CA MET B 49 -11.41 -16.44 15.51
C MET B 49 -11.56 -17.08 16.88
N ARG B 50 -11.04 -18.29 17.04
CA ARG B 50 -11.24 -19.01 18.29
C ARG B 50 -9.89 -19.30 18.93
N ASP B 51 -9.92 -19.41 20.24
CA ASP B 51 -8.70 -19.65 21.00
C ASP B 51 -8.16 -21.02 20.63
N PRO B 52 -6.90 -21.14 20.22
CA PRO B 52 -6.40 -22.45 19.76
C PRO B 52 -6.51 -23.54 20.82
N ASN B 53 -6.41 -23.18 22.10
CA ASN B 53 -6.45 -24.17 23.17
C ASN B 53 -7.85 -24.36 23.76
N THR B 54 -8.55 -23.27 24.11
CA THR B 54 -9.86 -23.41 24.76
C THR B 54 -11.00 -23.63 23.77
N LYS B 55 -10.83 -23.22 22.50
CA LYS B 55 -11.90 -23.15 21.50
C LYS B 55 -12.98 -22.12 21.84
N ARG B 56 -12.80 -21.36 22.91
CA ARG B 56 -13.66 -20.20 23.11
C ARG B 56 -13.49 -19.21 21.97
N SER B 57 -14.55 -18.48 21.67
CA SER B 57 -14.43 -17.36 20.76
C SER B 57 -13.51 -16.31 21.39
N ARG B 58 -12.68 -15.70 20.57
CA ARG B 58 -11.82 -14.62 21.01
C ARG B 58 -12.49 -13.25 20.94
N GLY B 59 -13.76 -13.20 20.56
CA GLY B 59 -14.51 -11.96 20.56
C GLY B 59 -14.46 -11.14 19.30
N PHE B 60 -13.94 -11.68 18.20
CA PHE B 60 -13.95 -10.95 16.94
C PHE B 60 -13.90 -11.92 15.78
N GLY B 61 -14.26 -11.42 14.59
CA GLY B 61 -14.26 -12.21 13.37
C GLY B 61 -14.07 -11.34 12.14
N PHE B 62 -14.14 -11.98 10.97
CA PHE B 62 -13.99 -11.31 9.68
C PHE B 62 -15.09 -11.73 8.73
N VAL B 63 -15.60 -10.77 7.98
CA VAL B 63 -16.52 -11.03 6.87
C VAL B 63 -15.91 -10.45 5.62
N THR B 64 -15.94 -11.21 4.54
CA THR B 64 -15.38 -10.78 3.25
C THR B 64 -16.49 -10.83 2.21
N TYR B 65 -16.73 -9.72 1.55
CA TYR B 65 -17.73 -9.66 0.50
C TYR B 65 -17.06 -9.85 -0.86
N ALA B 66 -17.89 -10.04 -1.87
CA ALA B 66 -17.35 -10.21 -3.22
C ALA B 66 -16.85 -8.91 -3.80
N THR B 67 -17.44 -7.79 -3.41
CA THR B 67 -17.11 -6.48 -3.97
C THR B 67 -17.03 -5.45 -2.85
N VAL B 68 -16.23 -4.40 -3.06
CA VAL B 68 -16.16 -3.35 -2.05
C VAL B 68 -17.49 -2.63 -1.93
N GLU B 69 -18.25 -2.54 -3.02
CA GLU B 69 -19.59 -1.95 -2.92
C GLU B 69 -20.38 -2.63 -1.81
N GLU B 70 -20.35 -3.96 -1.76
CA GLU B 70 -21.09 -4.67 -0.72
C GLU B 70 -20.54 -4.34 0.67
N VAL B 71 -19.21 -4.19 0.79
CA VAL B 71 -18.62 -3.73 2.05
C VAL B 71 -19.18 -2.36 2.43
N ASP B 72 -19.18 -1.43 1.47
CA ASP B 72 -19.72 -0.09 1.71
C ASP B 72 -21.16 -0.14 2.16
N ALA B 73 -21.97 -1.00 1.52
CA ALA B 73 -23.37 -1.15 1.92
C ALA B 73 -23.50 -1.63 3.36
N ALA B 74 -22.68 -2.60 3.76
CA ALA B 74 -22.73 -3.08 5.14
C ALA B 74 -22.34 -1.98 6.11
N MET B 75 -21.30 -1.19 5.78
CA MET B 75 -20.94 -0.08 6.65
C MET B 75 -22.04 0.99 6.68
N ASN B 76 -22.76 1.21 5.57
CA ASN B 76 -23.84 2.18 5.55
C ASN B 76 -25.07 1.72 6.31
N ALA B 77 -25.15 0.44 6.65
CA ALA B 77 -26.26 -0.10 7.40
C ALA B 77 -25.95 -0.23 8.88
N ARG B 78 -24.90 0.41 9.37
CA ARG B 78 -24.69 0.52 10.81
C ARG B 78 -25.89 1.22 11.45
N PRO B 79 -26.25 0.91 12.69
CA PRO B 79 -25.67 -0.07 13.64
C PRO B 79 -26.05 -1.50 13.31
N HIS B 80 -25.25 -2.43 13.85
CA HIS B 80 -25.34 -3.86 13.59
C HIS B 80 -25.45 -4.62 14.90
N LYS B 81 -26.49 -5.44 15.01
CA LYS B 81 -26.73 -6.26 16.18
C LYS B 81 -26.66 -7.73 15.76
N VAL B 82 -25.77 -8.50 16.39
CA VAL B 82 -25.58 -9.90 16.07
C VAL B 82 -25.85 -10.73 17.33
N ASP B 83 -26.77 -11.70 17.22
CA ASP B 83 -27.04 -12.66 18.30
C ASP B 83 -27.27 -11.95 19.64
N GLY B 84 -28.02 -10.85 19.60
CA GLY B 84 -28.31 -10.14 20.81
C GLY B 84 -27.27 -9.11 21.20
N ARG B 85 -26.19 -8.96 20.43
CA ARG B 85 -25.11 -8.07 20.84
C ARG B 85 -24.85 -7.04 19.76
N VAL B 86 -24.69 -5.79 20.18
CA VAL B 86 -24.22 -4.78 19.26
C VAL B 86 -22.73 -5.04 19.01
N VAL B 87 -22.38 -5.22 17.75
CA VAL B 87 -21.02 -5.50 17.35
C VAL B 87 -20.49 -4.28 16.61
N GLU B 88 -19.17 -4.24 16.40
CA GLU B 88 -18.51 -3.10 15.77
C GLU B 88 -17.77 -3.51 14.51
N PRO B 89 -18.33 -3.24 13.35
CA PRO B 89 -17.57 -3.51 12.12
C PRO B 89 -16.66 -2.35 11.73
N LYS B 90 -15.40 -2.64 11.43
CA LYS B 90 -14.46 -1.64 10.96
C LYS B 90 -13.72 -2.23 9.78
N ARG B 91 -13.19 -1.33 8.93
CA ARG B 91 -12.31 -1.75 7.85
C ARG B 91 -11.17 -2.59 8.40
N ALA B 92 -10.92 -3.72 7.75
CA ALA B 92 -9.88 -4.65 8.17
C ALA B 92 -8.49 -4.11 7.84
N VAL B 93 -7.72 -3.81 8.88
CA VAL B 93 -6.33 -3.42 8.75
C VAL B 93 -5.48 -4.66 8.52
N SER B 94 -4.59 -4.61 7.52
CA SER B 94 -3.76 -5.76 7.18
C SER B 94 -2.87 -6.14 8.36
N ARG B 95 -2.47 -7.42 8.40
CA ARG B 95 -1.63 -7.87 9.51
C ARG B 95 -0.42 -6.96 9.69
N GLU B 96 0.17 -6.54 8.57
CA GLU B 96 1.34 -5.67 8.61
C GLU B 96 1.03 -4.31 9.23
N ASP B 97 -0.02 -3.63 8.76
CA ASP B 97 -0.33 -2.33 9.32
C ASP B 97 -0.87 -2.44 10.75
N SER B 98 -1.43 -3.60 11.11
CA SER B 98 -1.95 -3.77 12.47
C SER B 98 -0.85 -3.68 13.52
N GLN B 99 0.40 -3.90 13.15
CA GLN B 99 1.47 -3.82 14.14
C GLN B 99 1.89 -2.39 14.44
N ARG B 100 1.37 -1.42 13.70
CA ARG B 100 1.73 -0.03 13.93
C ARG B 100 0.87 0.56 15.04
N PRO B 101 1.47 1.36 15.93
CA PRO B 101 0.70 1.91 17.05
C PRO B 101 -0.42 2.81 16.57
N GLY B 102 -1.57 2.69 17.21
CA GLY B 102 -2.74 3.46 16.87
C GLY B 102 -3.46 3.00 15.62
N ALA B 103 -3.01 1.89 15.02
CA ALA B 103 -3.64 1.43 13.79
C ALA B 103 -5.13 1.18 13.96
N HIS B 104 -5.55 0.73 15.15
CA HIS B 104 -6.91 0.26 15.36
C HIS B 104 -7.81 1.26 16.09
N LEU B 105 -7.34 2.48 16.32
CA LEU B 105 -8.14 3.47 17.00
C LEU B 105 -9.32 3.93 16.13
N THR B 106 -10.46 4.18 16.76
CA THR B 106 -11.57 4.83 16.09
C THR B 106 -11.41 6.34 16.23
N VAL B 107 -11.13 7.02 15.11
CA VAL B 107 -10.94 8.46 15.06
C VAL B 107 -11.56 9.04 13.80
N LYS B 108 -11.88 10.34 13.87
CA LYS B 108 -12.48 11.09 12.77
C LYS B 108 -11.54 12.09 12.11
N LYS B 109 -10.30 12.22 12.56
CA LYS B 109 -9.39 13.28 12.15
C LYS B 109 -8.07 12.69 11.66
N ILE B 110 -7.57 13.18 10.51
CA ILE B 110 -6.31 12.69 9.97
C ILE B 110 -5.29 13.81 9.91
N PHE B 111 -4.04 13.39 10.08
CA PHE B 111 -2.87 14.21 9.79
C PHE B 111 -2.49 14.00 8.32
N VAL B 112 -2.21 15.09 7.61
CA VAL B 112 -1.82 15.05 6.20
C VAL B 112 -0.46 15.73 6.08
N GLY B 113 0.58 14.97 5.77
CA GLY B 113 1.94 15.49 5.71
C GLY B 113 2.59 15.38 4.34
N GLY B 114 3.30 16.42 3.95
CA GLY B 114 3.93 16.47 2.64
C GLY B 114 3.20 17.35 1.64
N ILE B 115 2.40 18.30 2.08
CA ILE B 115 1.71 19.16 1.13
C ILE B 115 2.68 20.26 0.69
N LYS B 116 2.61 20.62 -0.58
CA LYS B 116 3.52 21.62 -1.09
C LYS B 116 3.03 23.01 -0.70
N GLU B 117 3.89 24.02 -0.86
CA GLU B 117 3.55 25.33 -0.30
C GLU B 117 2.42 26.03 -1.02
N ASP B 118 2.15 25.68 -2.28
CA ASP B 118 1.05 26.29 -3.01
C ASP B 118 -0.26 25.50 -2.87
N THR B 119 -0.29 24.49 -2.02
CA THR B 119 -1.50 23.72 -1.79
C THR B 119 -2.46 24.49 -0.88
N GLU B 120 -3.69 24.66 -1.33
CA GLU B 120 -4.74 25.39 -0.61
C GLU B 120 -5.80 24.44 -0.08
N GLU B 121 -6.77 25.02 0.62
CA GLU B 121 -7.79 24.23 1.29
C GLU B 121 -8.65 23.47 0.28
N HIS B 122 -9.00 24.11 -0.83
CA HIS B 122 -9.86 23.47 -1.82
C HIS B 122 -9.14 22.32 -2.51
N HIS B 123 -7.81 22.33 -2.59
CA HIS B 123 -7.09 21.15 -3.04
C HIS B 123 -7.36 19.97 -2.13
N LEU B 124 -7.21 20.18 -0.82
CA LEU B 124 -7.45 19.09 0.11
C LEU B 124 -8.90 18.62 0.03
N ARG B 125 -9.84 19.56 -0.08
CA ARG B 125 -11.25 19.16 -0.16
C ARG B 125 -11.52 18.35 -1.42
N ASP B 126 -10.96 18.75 -2.56
CA ASP B 126 -11.23 18.05 -3.81
C ASP B 126 -10.82 16.58 -3.73
N TYR B 127 -9.70 16.27 -3.06
CA TYR B 127 -9.29 14.87 -3.02
C TYR B 127 -10.01 14.07 -1.92
N PHE B 128 -10.23 14.68 -0.75
CA PHE B 128 -10.75 13.92 0.39
C PHE B 128 -12.27 13.81 0.43
N GLU B 129 -13.00 14.64 -0.32
CA GLU B 129 -14.47 14.53 -0.40
C GLU B 129 -14.93 13.12 -0.74
N GLN B 130 -14.20 12.45 -1.64
CA GLN B 130 -14.65 11.17 -2.15
C GLN B 130 -14.79 10.11 -1.05
N TYR B 131 -14.15 10.33 0.11
CA TYR B 131 -14.17 9.33 1.16
C TYR B 131 -15.30 9.51 2.15
N GLY B 132 -15.90 10.69 2.22
CA GLY B 132 -16.99 10.92 3.15
C GLY B 132 -17.15 12.39 3.42
N LYS B 133 -18.21 12.73 4.16
CA LYS B 133 -18.53 14.11 4.44
C LYS B 133 -17.43 14.75 5.29
N ILE B 134 -16.90 15.88 4.82
CA ILE B 134 -15.82 16.58 5.51
C ILE B 134 -16.41 17.57 6.48
N GLU B 135 -15.87 17.62 7.69
CA GLU B 135 -16.30 18.61 8.67
C GLU B 135 -15.41 19.84 8.70
N VAL B 136 -14.09 19.65 8.77
CA VAL B 136 -13.15 20.73 9.05
C VAL B 136 -11.83 20.41 8.35
N ILE B 137 -11.26 21.42 7.70
CA ILE B 137 -9.92 21.37 7.12
C ILE B 137 -9.08 22.49 7.71
N GLU B 138 -7.84 22.18 8.09
CA GLU B 138 -6.96 23.16 8.70
C GLU B 138 -5.54 22.94 8.20
N ILE B 139 -5.03 23.89 7.43
CA ILE B 139 -3.65 23.89 6.99
C ILE B 139 -2.83 24.57 8.07
N MET B 140 -1.71 23.94 8.44
CA MET B 140 -0.92 24.43 9.57
C MET B 140 0.00 25.56 9.10
N THR B 141 -0.02 26.65 9.87
CA THR B 141 0.40 27.96 9.39
C THR B 141 1.80 28.38 9.85
N ASP B 142 2.03 28.36 11.18
CA ASP B 142 3.23 28.87 11.89
C ASP B 142 2.94 30.24 12.53
N LYS B 148 3.76 28.48 5.80
CA LYS B 148 3.21 27.13 5.93
C LYS B 148 4.28 26.08 6.27
N ARG B 149 3.90 25.11 7.12
CA ARG B 149 4.84 24.11 7.62
C ARG B 149 4.76 22.78 6.85
N GLY B 150 3.89 22.67 5.87
CA GLY B 150 3.87 21.50 5.03
C GLY B 150 2.97 20.38 5.47
N PHE B 151 2.03 20.63 6.40
CA PHE B 151 1.08 19.60 6.78
C PHE B 151 -0.25 20.23 7.19
N ALA B 152 -1.26 19.38 7.35
CA ALA B 152 -2.62 19.85 7.59
C ALA B 152 -3.40 18.78 8.33
N PHE B 153 -4.62 19.15 8.75
CA PHE B 153 -5.52 18.23 9.44
C PHE B 153 -6.88 18.30 8.79
N VAL B 154 -7.51 17.13 8.62
CA VAL B 154 -8.86 17.03 8.07
C VAL B 154 -9.71 16.23 9.04
N THR B 155 -10.89 16.76 9.38
CA THR B 155 -11.81 16.09 10.28
C THR B 155 -13.09 15.70 9.53
N PHE B 156 -13.44 14.42 9.63
CA PHE B 156 -14.66 13.87 9.05
C PHE B 156 -15.68 13.67 10.16
N ASP B 157 -16.93 13.38 9.78
CA ASP B 157 -17.96 13.13 10.78
C ASP B 157 -18.14 11.64 11.06
N ASP B 158 -17.51 10.76 10.29
CA ASP B 158 -17.66 9.32 10.44
C ASP B 158 -16.29 8.66 10.41
N HIS B 159 -15.95 7.90 11.46
CA HIS B 159 -14.63 7.27 11.50
C HIS B 159 -14.38 6.37 10.30
N ASP B 160 -15.43 5.81 9.71
CA ASP B 160 -15.21 4.96 8.56
C ASP B 160 -14.62 5.75 7.39
N SER B 161 -14.86 7.06 7.32
CA SER B 161 -14.23 7.87 6.28
C SER B 161 -12.72 7.83 6.42
N VAL B 162 -12.22 8.01 7.64
CA VAL B 162 -10.79 7.90 7.91
C VAL B 162 -10.29 6.50 7.56
N ASP B 163 -11.00 5.47 8.04
CA ASP B 163 -10.57 4.10 7.79
C ASP B 163 -10.47 3.81 6.30
N LYS B 164 -11.38 4.34 5.49
CA LYS B 164 -11.28 4.11 4.06
C LYS B 164 -10.03 4.77 3.48
N ILE B 165 -9.57 5.83 4.13
CA ILE B 165 -8.43 6.58 3.62
C ILE B 165 -7.12 5.87 3.93
N VAL B 166 -6.95 5.39 5.17
CA VAL B 166 -5.64 4.87 5.57
C VAL B 166 -5.38 3.46 5.07
N ILE B 167 -6.40 2.74 4.59
CA ILE B 167 -6.14 1.45 3.97
C ILE B 167 -5.70 1.61 2.52
N GLN B 168 -5.67 2.82 2.00
CA GLN B 168 -5.11 3.12 0.69
C GLN B 168 -3.66 3.56 0.85
N LYS B 169 -2.85 3.29 -0.19
CA LYS B 169 -1.44 3.58 -0.04
C LYS B 169 -1.08 5.01 -0.44
N TYR B 170 -1.56 5.49 -1.58
CA TYR B 170 -1.16 6.80 -2.08
C TYR B 170 -2.29 7.80 -2.08
N HIS B 171 -1.94 9.07 -1.87
CA HIS B 171 -2.93 10.15 -1.89
C HIS B 171 -2.33 11.34 -2.63
N THR B 172 -2.86 11.62 -3.81
CA THR B 172 -2.36 12.72 -4.61
C THR B 172 -3.22 13.96 -4.37
N VAL B 173 -2.63 14.94 -3.71
CA VAL B 173 -3.23 16.25 -3.48
C VAL B 173 -2.47 17.28 -4.31
N ASN B 174 -3.20 18.04 -5.11
CA ASN B 174 -2.59 19.04 -5.98
C ASN B 174 -1.46 18.44 -6.82
N GLY B 175 -1.70 17.25 -7.36
CA GLY B 175 -0.69 16.60 -8.19
C GLY B 175 0.54 16.02 -7.48
N HIS B 176 0.55 15.93 -6.15
CA HIS B 176 1.73 15.45 -5.45
C HIS B 176 1.33 14.52 -4.31
N ASN B 177 2.09 13.45 -4.14
CA ASN B 177 1.79 12.52 -3.05
C ASN B 177 1.95 13.19 -1.69
N CYS B 178 1.19 12.69 -0.73
CA CYS B 178 1.30 13.14 0.65
C CYS B 178 0.90 11.97 1.54
N GLU B 179 1.43 11.95 2.76
CA GLU B 179 1.22 10.83 3.67
C GLU B 179 0.06 11.11 4.60
N VAL B 180 -0.68 10.05 4.95
CA VAL B 180 -1.89 10.17 5.77
C VAL B 180 -1.74 9.33 7.02
N ARG B 181 -1.99 9.95 8.18
CA ARG B 181 -1.95 9.26 9.46
C ARG B 181 -3.16 9.64 10.29
N LYS B 182 -3.59 8.71 11.14
CA LYS B 182 -4.58 9.03 12.16
C LYS B 182 -4.03 10.08 13.12
N ALA B 183 -4.84 11.10 13.41
CA ALA B 183 -4.41 12.18 14.30
C ALA B 183 -4.38 11.68 15.75
N LEU B 184 -3.36 12.13 16.51
CA LEU B 184 -3.05 11.57 17.82
C LEU B 184 -3.21 12.54 18.98
N SER B 185 -3.31 11.95 20.17
CA SER B 185 -3.62 12.67 21.41
C SER B 185 -2.43 13.47 21.95
N LYS B 186 -1.34 12.78 22.29
CA LYS B 186 -0.13 13.40 22.85
C LYS B 186 0.22 14.77 22.26
#